data_9F0R
#
_entry.id   9F0R
#
_cell.length_a   101.242
_cell.length_b   79.146
_cell.length_c   67.686
_cell.angle_alpha   90.000
_cell.angle_beta   130.380
_cell.angle_gamma   90.000
#
_symmetry.space_group_name_H-M   'C 1 2 1'
#
loop_
_entity.id
_entity.type
_entity.pdbx_description
1 polymer 'Metallo-beta-lactamase type 2'
2 non-polymer 'FORMIC ACID'
3 non-polymer '[(~{R})-(2-hydroxyphenyl)-(4,5,6,7-tetrahydro-2-benzothiophen-1-ylcarbonylamino)methyl]phosphonic acid'
4 non-polymer 'ZINC ION'
5 non-polymer 'MAGNESIUM ION'
6 water water
#
_entity_poly.entity_id   1
_entity_poly.type   'polypeptide(L)'
_entity_poly.pdbx_seq_one_letter_code
;MHHHHHHENLYFQGVDSSGEYPTVSEIPVGEVRLYQIADGVWSHIATQSFDGAVYPSNGLIVRDGDELLLIDTAWGAKNT
AALLAEIEKQIGLPVTRAVSTHFHDDRVGGVDVLRAAGVATYASPSTRRLAEVEGNEIPTHSLEGLSSSGDAVRFGPVEL
FYPGAAHSTDNLVVYVPSASVLYGGCAIYELSRTSAGNVADADLAEWPTSIERIQQHYPEAQFVIPGHGLPGGLDLLKHT
TNVVKAHTNRSVVE
;
_entity_poly.pdbx_strand_id   A,B
#
loop_
_chem_comp.id
_chem_comp.type
_chem_comp.name
_chem_comp.formula
A1H8V non-polymer '[(~{R})-(2-hydroxyphenyl)-(4,5,6,7-tetrahydro-2-benzothiophen-1-ylcarbonylamino)methyl]phosphonic acid' 'C16 H18 N O5 P S'
FMT non-polymer 'FORMIC ACID' 'C H2 O2'
MG non-polymer 'MAGNESIUM ION' 'Mg 2'
ZN non-polymer 'ZINC ION' 'Zn 2'
#
# COMPACT_ATOMS: atom_id res chain seq x y z
N GLU A 20 -8.88 -31.45 1.44
CA GLU A 20 -10.00 -30.88 2.15
C GLU A 20 -9.75 -29.36 2.35
N TYR A 21 -8.78 -28.98 3.16
CA TYR A 21 -8.44 -27.54 3.31
C TYR A 21 -7.83 -26.99 2.02
N PRO A 22 -8.26 -25.81 1.55
CA PRO A 22 -7.73 -25.31 0.26
C PRO A 22 -6.30 -24.81 0.38
N THR A 23 -5.58 -24.95 -0.72
CA THR A 23 -4.17 -24.58 -0.84
C THR A 23 -4.00 -23.53 -1.94
N VAL A 24 -2.78 -22.98 -2.06
CA VAL A 24 -2.50 -21.93 -3.03
C VAL A 24 -3.07 -22.25 -4.41
N SER A 25 -2.80 -23.45 -4.94
CA SER A 25 -3.18 -23.74 -6.31
C SER A 25 -4.69 -23.75 -6.53
N GLU A 26 -5.48 -23.95 -5.47
CA GLU A 26 -6.93 -23.92 -5.62
C GLU A 26 -7.50 -22.52 -5.66
N ILE A 27 -6.75 -21.51 -5.24
CA ILE A 27 -7.29 -20.17 -5.05
C ILE A 27 -6.61 -19.22 -6.02
N PRO A 28 -7.27 -18.86 -7.11
CA PRO A 28 -6.76 -17.77 -7.94
C PRO A 28 -6.64 -16.48 -7.13
N VAL A 29 -5.55 -15.75 -7.38
CA VAL A 29 -5.37 -14.47 -6.70
C VAL A 29 -6.60 -13.59 -6.92
N GLY A 30 -7.03 -12.94 -5.83
CA GLY A 30 -8.22 -12.14 -5.84
C GLY A 30 -9.46 -12.87 -5.40
N GLU A 31 -9.41 -14.21 -5.31
CA GLU A 31 -10.53 -15.03 -4.85
C GLU A 31 -10.31 -15.39 -3.39
N VAL A 32 -11.41 -15.68 -2.68
CA VAL A 32 -11.32 -16.08 -1.29
C VAL A 32 -12.15 -17.34 -1.11
N ARG A 33 -11.59 -18.31 -0.38
CA ARG A 33 -12.35 -19.48 0.01
C ARG A 33 -12.68 -19.46 1.48
N LEU A 34 -13.79 -20.08 1.81
CA LEU A 34 -14.19 -20.27 3.22
C LEU A 34 -14.11 -21.74 3.53
N TYR A 35 -13.68 -22.08 4.72
CA TYR A 35 -13.56 -23.46 5.11
C TYR A 35 -14.19 -23.61 6.48
N GLN A 36 -15.23 -24.41 6.59
CA GLN A 36 -15.92 -24.58 7.86
C GLN A 36 -15.16 -25.53 8.76
N ILE A 37 -14.71 -25.03 9.91
CA ILE A 37 -13.91 -25.79 10.87
C ILE A 37 -14.77 -26.55 11.86
N ALA A 38 -15.82 -25.90 12.32
CA ALA A 38 -16.76 -26.41 13.29
C ALA A 38 -18.03 -25.59 13.14
N ASP A 39 -19.05 -25.96 13.90
CA ASP A 39 -20.30 -25.22 13.89
C ASP A 39 -20.04 -23.75 14.18
N GLY A 40 -20.42 -22.89 13.23
CA GLY A 40 -20.28 -21.46 13.43
C GLY A 40 -18.85 -20.93 13.42
N VAL A 41 -17.89 -21.69 12.88
CA VAL A 41 -16.49 -21.25 12.83
C VAL A 41 -15.93 -21.61 11.48
N TRP A 42 -15.42 -20.61 10.78
CA TRP A 42 -14.80 -20.80 9.47
C TRP A 42 -13.42 -20.19 9.51
N SER A 43 -12.52 -20.72 8.67
CA SER A 43 -11.41 -19.87 8.24
C SER A 43 -11.72 -19.29 6.86
N HIS A 44 -11.08 -18.16 6.59
CA HIS A 44 -11.06 -17.58 5.26
C HIS A 44 -9.64 -17.68 4.72
N ILE A 45 -9.51 -18.02 3.45
CA ILE A 45 -8.22 -18.30 2.84
C ILE A 45 -8.13 -17.46 1.56
N ALA A 46 -7.03 -16.71 1.44
CA ALA A 46 -6.79 -15.86 0.28
C ALA A 46 -5.34 -16.01 -0.12
N THR A 47 -4.93 -15.37 -1.22
CA THR A 47 -3.55 -15.49 -1.66
C THR A 47 -3.01 -14.11 -2.07
N GLN A 48 -1.71 -13.92 -1.91
CA GLN A 48 -1.07 -12.72 -2.40
C GLN A 48 0.21 -13.11 -3.12
N SER A 49 0.52 -12.37 -4.17
CA SER A 49 1.80 -12.54 -4.87
C SER A 49 2.80 -11.51 -4.36
N PHE A 50 3.99 -11.95 -4.01
CA PHE A 50 5.05 -11.03 -3.64
C PHE A 50 6.39 -11.65 -4.04
N ASP A 51 7.28 -10.85 -4.64
CA ASP A 51 8.57 -11.35 -5.06
C ASP A 51 8.47 -12.56 -5.97
N GLY A 52 7.42 -12.63 -6.79
CA GLY A 52 7.32 -13.71 -7.77
C GLY A 52 6.87 -15.06 -7.24
N ALA A 53 6.41 -15.14 -5.99
CA ALA A 53 5.86 -16.33 -5.34
C ALA A 53 4.43 -16.07 -4.96
N VAL A 54 3.70 -17.13 -4.62
CA VAL A 54 2.33 -16.99 -4.14
C VAL A 54 2.22 -17.55 -2.75
N TYR A 55 1.63 -16.75 -1.86
CA TYR A 55 1.50 -17.07 -0.46
C TYR A 55 0.02 -17.17 -0.10
N PRO A 56 -0.40 -18.19 0.62
CA PRO A 56 -1.76 -18.20 1.17
C PRO A 56 -1.76 -17.48 2.51
N SER A 57 -2.94 -17.05 2.93
CA SER A 57 -3.11 -16.47 4.25
CA SER A 57 -3.11 -16.45 4.25
C SER A 57 -4.49 -16.80 4.77
N ASN A 58 -4.57 -17.08 6.08
CA ASN A 58 -5.81 -17.39 6.77
C ASN A 58 -6.28 -16.24 7.67
N GLY A 59 -7.60 -16.15 7.81
CA GLY A 59 -8.18 -15.47 8.95
C GLY A 59 -9.34 -16.30 9.44
N LEU A 60 -10.15 -15.75 10.34
CA LEU A 60 -11.20 -16.52 10.99
C LEU A 60 -12.53 -15.80 10.90
N ILE A 61 -13.65 -16.55 10.87
CA ILE A 61 -15.00 -15.99 10.98
C ILE A 61 -15.71 -16.78 12.06
N VAL A 62 -16.32 -16.08 13.01
CA VAL A 62 -17.02 -16.76 14.12
C VAL A 62 -18.43 -16.22 14.22
N ARG A 63 -19.41 -17.11 14.19
CA ARG A 63 -20.79 -16.67 14.32
C ARG A 63 -21.08 -16.26 15.77
N ASP A 64 -21.87 -15.21 15.93
CA ASP A 64 -22.32 -14.79 17.25
C ASP A 64 -23.79 -14.43 17.14
N GLY A 65 -24.65 -15.36 17.50
CA GLY A 65 -26.06 -15.10 17.27
C GLY A 65 -26.31 -15.00 15.78
N ASP A 66 -26.85 -13.87 15.35
CA ASP A 66 -27.20 -13.65 13.96
C ASP A 66 -26.22 -12.72 13.25
N GLU A 67 -25.03 -12.56 13.80
CA GLU A 67 -23.99 -11.71 13.23
C GLU A 67 -22.70 -12.51 13.20
N LEU A 68 -21.70 -11.96 12.52
CA LEU A 68 -20.39 -12.59 12.44
C LEU A 68 -19.33 -11.64 12.98
N LEU A 69 -18.36 -12.24 13.63
CA LEU A 69 -17.09 -11.60 13.99
C LEU A 69 -16.05 -12.06 12.98
N LEU A 70 -15.34 -11.10 12.40
CA LEU A 70 -14.23 -11.39 11.51
C LEU A 70 -12.90 -11.21 12.25
N ILE A 71 -11.97 -12.17 12.05
CA ILE A 71 -10.61 -12.05 12.55
C ILE A 71 -9.69 -11.94 11.34
N ASP A 72 -9.10 -10.77 11.19
CA ASP A 72 -8.11 -10.41 10.18
C ASP A 72 -8.73 -10.18 8.80
N THR A 73 -8.13 -9.26 8.05
CA THR A 73 -8.51 -9.03 6.67
C THR A 73 -7.97 -10.17 5.81
N ALA A 74 -8.29 -10.13 4.51
CA ALA A 74 -7.79 -11.07 3.54
C ALA A 74 -6.63 -10.53 2.78
N TRP A 75 -5.80 -9.72 3.44
CA TRP A 75 -4.53 -9.28 2.86
C TRP A 75 -4.76 -8.47 1.59
N GLY A 76 -5.23 -7.26 1.78
CA GLY A 76 -5.40 -6.34 0.67
C GLY A 76 -6.83 -5.91 0.43
N ALA A 77 -7.00 -4.74 -0.19
CA ALA A 77 -8.35 -4.21 -0.44
C ALA A 77 -9.17 -5.12 -1.35
N LYS A 78 -8.62 -5.52 -2.49
CA LYS A 78 -9.40 -6.35 -3.42
C LYS A 78 -9.76 -7.70 -2.81
N ASN A 79 -8.80 -8.37 -2.14
CA ASN A 79 -9.10 -9.64 -1.48
C ASN A 79 -10.16 -9.45 -0.41
N THR A 80 -10.07 -8.35 0.36
CA THR A 80 -11.01 -8.15 1.45
C THR A 80 -12.43 -7.85 0.90
N ALA A 81 -12.53 -7.09 -0.20
CA ALA A 81 -13.83 -6.96 -0.84
C ALA A 81 -14.36 -8.31 -1.29
N ALA A 82 -13.48 -9.16 -1.85
CA ALA A 82 -13.91 -10.51 -2.24
C ALA A 82 -14.31 -11.34 -1.03
N LEU A 83 -13.60 -11.17 0.09
CA LEU A 83 -13.96 -11.86 1.32
C LEU A 83 -15.38 -11.49 1.74
N LEU A 84 -15.71 -10.18 1.76
CA LEU A 84 -17.06 -9.78 2.16
C LEU A 84 -18.11 -10.34 1.20
N ALA A 85 -17.78 -10.40 -0.09
CA ALA A 85 -18.75 -10.94 -1.04
C ALA A 85 -18.94 -12.44 -0.85
N GLU A 86 -17.86 -13.14 -0.53
CA GLU A 86 -17.97 -14.57 -0.32
C GLU A 86 -18.75 -14.87 0.95
N ILE A 87 -18.48 -14.11 2.01
CA ILE A 87 -19.26 -14.31 3.24
C ILE A 87 -20.76 -14.10 2.95
N GLU A 88 -21.11 -13.03 2.23
CA GLU A 88 -22.51 -12.77 1.96
C GLU A 88 -23.13 -13.89 1.14
N LYS A 89 -22.37 -14.40 0.16
CA LYS A 89 -22.86 -15.45 -0.72
C LYS A 89 -23.03 -16.76 0.03
N GLN A 90 -22.09 -17.13 0.90
CA GLN A 90 -22.11 -18.47 1.48
C GLN A 90 -22.75 -18.54 2.86
N ILE A 91 -22.66 -17.46 3.66
CA ILE A 91 -23.12 -17.48 5.05
C ILE A 91 -24.34 -16.59 5.22
N GLY A 92 -24.30 -15.39 4.65
CA GLY A 92 -25.48 -14.54 4.59
C GLY A 92 -25.83 -13.86 5.88
N LEU A 93 -24.89 -13.72 6.80
CA LEU A 93 -25.05 -13.00 8.05
C LEU A 93 -24.10 -11.82 8.04
N PRO A 94 -24.47 -10.70 8.63
CA PRO A 94 -23.62 -9.50 8.55
C PRO A 94 -22.37 -9.61 9.39
N VAL A 95 -21.24 -9.13 8.82
CA VAL A 95 -20.01 -8.98 9.62
C VAL A 95 -20.13 -7.66 10.36
N THR A 96 -20.29 -7.70 11.68
CA THR A 96 -20.50 -6.44 12.39
C THR A 96 -19.25 -5.90 13.05
N ARG A 97 -18.29 -6.76 13.38
CA ARG A 97 -17.03 -6.33 13.99
C ARG A 97 -15.92 -7.14 13.37
N ALA A 98 -14.72 -6.56 13.37
CA ALA A 98 -13.51 -7.24 12.92
C ALA A 98 -12.38 -6.90 13.86
N VAL A 99 -11.53 -7.88 14.12
CA VAL A 99 -10.32 -7.71 14.93
C VAL A 99 -9.12 -8.01 14.05
N SER A 100 -8.10 -7.14 14.07
CA SER A 100 -6.81 -7.45 13.43
C SER A 100 -5.82 -7.87 14.49
N THR A 101 -5.12 -8.99 14.24
CA THR A 101 -4.29 -9.60 15.27
C THR A 101 -2.84 -9.11 15.30
N HIS A 102 -2.39 -8.35 14.32
CA HIS A 102 -1.19 -7.53 14.45
C HIS A 102 -1.18 -6.52 13.33
N PHE A 103 -0.12 -5.72 13.27
CA PHE A 103 -0.19 -4.48 12.50
C PHE A 103 0.22 -4.65 11.03
N HIS A 104 0.73 -5.81 10.61
CA HIS A 104 1.25 -5.96 9.26
C HIS A 104 0.09 -6.03 8.26
N ASP A 105 0.45 -5.83 6.99
N ASP A 105 0.42 -5.81 6.99
CA ASP A 105 -0.55 -5.67 5.94
CA ASP A 105 -0.62 -5.66 5.96
C ASP A 105 -1.40 -6.91 5.69
C ASP A 105 -1.44 -6.91 5.73
N ASP A 106 -0.92 -8.11 6.02
CA ASP A 106 -1.76 -9.28 5.85
C ASP A 106 -2.86 -9.34 6.90
N ARG A 107 -2.83 -8.45 7.89
CA ARG A 107 -3.84 -8.43 8.94
CA ARG A 107 -3.85 -8.44 8.93
C ARG A 107 -4.71 -7.19 8.92
N VAL A 108 -4.15 -6.03 8.51
CA VAL A 108 -4.87 -4.77 8.45
C VAL A 108 -5.11 -4.29 7.04
N GLY A 109 -4.46 -4.88 6.02
CA GLY A 109 -4.64 -4.43 4.65
C GLY A 109 -6.03 -4.83 4.20
N GLY A 110 -6.92 -3.86 3.99
CA GLY A 110 -8.33 -4.17 3.82
C GLY A 110 -9.22 -3.62 4.92
N VAL A 111 -8.63 -3.04 5.98
CA VAL A 111 -9.43 -2.37 7.01
C VAL A 111 -10.28 -1.23 6.43
N ASP A 112 -9.77 -0.48 5.43
CA ASP A 112 -10.58 0.63 4.90
C ASP A 112 -11.78 0.08 4.15
N VAL A 113 -11.61 -1.07 3.50
CA VAL A 113 -12.73 -1.74 2.84
C VAL A 113 -13.78 -2.18 3.86
N LEU A 114 -13.33 -2.83 4.94
CA LEU A 114 -14.25 -3.20 6.00
C LEU A 114 -15.00 -1.98 6.54
N ARG A 115 -14.25 -0.92 6.85
CA ARG A 115 -14.86 0.29 7.40
C ARG A 115 -15.89 0.89 6.44
N ALA A 116 -15.58 0.94 5.13
CA ALA A 116 -16.53 1.52 4.17
C ALA A 116 -17.79 0.68 4.08
N ALA A 117 -17.66 -0.64 4.34
CA ALA A 117 -18.81 -1.54 4.34
C ALA A 117 -19.60 -1.49 5.64
N GLY A 118 -19.21 -0.68 6.61
CA GLY A 118 -19.95 -0.57 7.86
C GLY A 118 -19.52 -1.55 8.94
N VAL A 119 -18.37 -2.23 8.78
CA VAL A 119 -17.84 -3.09 9.83
C VAL A 119 -17.07 -2.25 10.81
N ALA A 120 -17.33 -2.42 12.10
CA ALA A 120 -16.56 -1.75 13.15
C ALA A 120 -15.25 -2.54 13.28
N THR A 121 -14.14 -1.85 13.07
CA THR A 121 -12.81 -2.48 13.08
C THR A 121 -12.08 -2.19 14.39
N TYR A 122 -11.37 -3.22 14.91
CA TYR A 122 -10.73 -3.19 16.22
C TYR A 122 -9.32 -3.70 16.13
N ALA A 123 -8.45 -3.20 17.00
CA ALA A 123 -7.13 -3.77 17.26
C ALA A 123 -6.68 -3.27 18.63
N SER A 124 -5.66 -3.88 19.17
CA SER A 124 -5.09 -3.31 20.41
C SER A 124 -4.53 -1.93 20.12
N PRO A 125 -4.38 -1.09 21.15
CA PRO A 125 -3.74 0.21 20.92
C PRO A 125 -2.30 0.07 20.44
N SER A 126 -1.61 -0.99 20.84
CA SER A 126 -0.26 -1.22 20.35
CA SER A 126 -0.25 -1.18 20.34
C SER A 126 -0.26 -1.49 18.85
N THR A 127 -1.19 -2.34 18.40
CA THR A 127 -1.32 -2.62 16.97
C THR A 127 -1.68 -1.36 16.19
N ARG A 128 -2.62 -0.54 16.70
CA ARG A 128 -2.99 0.67 15.97
C ARG A 128 -1.78 1.60 15.81
N ARG A 129 -1.00 1.77 16.88
CA ARG A 129 0.17 2.63 16.83
C ARG A 129 1.19 2.12 15.82
N LEU A 130 1.50 0.84 15.87
CA LEU A 130 2.48 0.26 14.93
C LEU A 130 1.99 0.36 13.50
N ALA A 131 0.68 0.13 13.27
CA ALA A 131 0.15 0.27 11.93
C ALA A 131 0.33 1.68 11.43
N GLU A 132 0.08 2.66 12.30
CA GLU A 132 0.24 4.05 11.87
C GLU A 132 1.69 4.34 11.54
N VAL A 133 2.63 3.86 12.36
CA VAL A 133 4.03 4.13 12.07
C VAL A 133 4.43 3.52 10.75
N GLU A 134 3.87 2.34 10.43
CA GLU A 134 4.20 1.65 9.19
C GLU A 134 3.51 2.26 7.97
N GLY A 135 2.58 3.20 8.15
CA GLY A 135 1.80 3.73 7.03
C GLY A 135 0.70 2.80 6.57
N ASN A 136 0.32 1.82 7.39
CA ASN A 136 -0.71 0.86 7.08
C ASN A 136 -2.07 1.38 7.50
N GLU A 137 -3.10 0.67 7.06
CA GLU A 137 -4.45 1.01 7.52
C GLU A 137 -4.59 0.77 9.01
N ILE A 138 -5.46 1.56 9.64
CA ILE A 138 -5.51 1.63 11.10
C ILE A 138 -6.93 1.30 11.54
N PRO A 139 -7.15 0.20 12.23
CA PRO A 139 -8.49 -0.06 12.78
C PRO A 139 -9.03 1.08 13.64
N THR A 140 -10.35 1.20 13.65
CA THR A 140 -10.98 2.34 14.34
C THR A 140 -10.81 2.25 15.86
N HIS A 141 -11.21 1.12 16.44
CA HIS A 141 -11.38 0.96 17.87
C HIS A 141 -10.18 0.27 18.51
N SER A 142 -9.95 0.61 19.77
CA SER A 142 -8.83 0.14 20.57
C SER A 142 -9.35 -0.87 21.59
N LEU A 143 -8.74 -2.06 21.57
CA LEU A 143 -9.08 -3.12 22.51
C LEU A 143 -8.27 -2.93 23.78
N GLU A 144 -8.96 -2.66 24.89
CA GLU A 144 -8.30 -2.55 26.20
C GLU A 144 -8.04 -3.93 26.80
N GLY A 145 -7.10 -3.98 27.75
CA GLY A 145 -6.98 -5.16 28.56
C GLY A 145 -6.07 -6.21 27.96
N LEU A 146 -5.24 -5.84 26.98
CA LEU A 146 -4.39 -6.80 26.27
C LEU A 146 -2.93 -6.34 26.27
N SER A 147 -2.55 -5.43 27.18
CA SER A 147 -1.22 -4.85 27.06
C SER A 147 -0.11 -5.64 27.70
N SER A 148 -0.42 -6.59 28.58
CA SER A 148 0.61 -7.33 29.31
CA SER A 148 0.60 -7.33 29.33
C SER A 148 0.52 -8.80 28.95
N SER A 149 1.68 -9.44 28.75
CA SER A 149 1.68 -10.85 28.37
CA SER A 149 1.70 -10.85 28.39
C SER A 149 0.85 -11.66 29.36
N GLY A 150 0.02 -12.54 28.80
CA GLY A 150 -0.89 -13.36 29.59
C GLY A 150 -2.27 -12.75 29.74
N ASP A 151 -2.48 -11.52 29.26
CA ASP A 151 -3.79 -10.89 29.39
C ASP A 151 -4.77 -11.53 28.40
N ALA A 152 -6.02 -11.70 28.83
CA ALA A 152 -7.07 -12.21 27.97
C ALA A 152 -8.31 -11.37 28.20
N VAL A 153 -9.11 -11.22 27.13
CA VAL A 153 -10.41 -10.55 27.25
C VAL A 153 -11.39 -11.31 26.35
N ARG A 154 -12.65 -11.33 26.76
CA ARG A 154 -13.72 -11.82 25.92
C ARG A 154 -14.13 -10.74 24.94
N PHE A 155 -14.41 -11.15 23.70
CA PHE A 155 -14.88 -10.24 22.64
C PHE A 155 -15.94 -11.01 21.85
N GLY A 156 -17.18 -10.83 22.22
CA GLY A 156 -18.22 -11.61 21.57
C GLY A 156 -17.99 -13.08 21.82
N PRO A 157 -18.01 -13.87 20.73
CA PRO A 157 -17.91 -15.31 20.86
C PRO A 157 -16.49 -15.82 21.04
N VAL A 158 -15.49 -14.95 21.14
CA VAL A 158 -14.11 -15.40 21.27
C VAL A 158 -13.45 -14.84 22.50
N GLU A 159 -12.36 -15.47 22.87
CA GLU A 159 -11.38 -14.89 23.76
C GLU A 159 -10.19 -14.40 22.95
N LEU A 160 -9.78 -13.15 23.24
CA LEU A 160 -8.56 -12.60 22.67
C LEU A 160 -7.46 -12.73 23.70
N PHE A 161 -6.28 -13.14 23.29
CA PHE A 161 -5.19 -13.36 24.25
C PHE A 161 -3.91 -12.73 23.72
N TYR A 162 -3.21 -12.02 24.59
CA TYR A 162 -1.91 -11.47 24.23
C TYR A 162 -0.86 -12.37 24.87
N PRO A 163 -0.15 -13.20 24.11
CA PRO A 163 0.77 -14.17 24.74
C PRO A 163 2.11 -13.59 25.07
N GLY A 164 2.38 -12.35 24.66
CA GLY A 164 3.71 -11.78 24.63
C GLY A 164 4.22 -11.64 23.21
N ALA A 165 5.34 -10.96 23.10
CA ALA A 165 5.93 -10.68 21.80
C ALA A 165 6.36 -11.98 21.14
N ALA A 166 6.20 -12.07 19.81
CA ALA A 166 6.58 -13.31 19.10
C ALA A 166 6.89 -12.92 17.67
N HIS A 167 6.01 -13.27 16.73
CA HIS A 167 6.15 -12.79 15.35
C HIS A 167 6.23 -11.27 15.30
N SER A 168 5.49 -10.61 16.17
CA SER A 168 5.55 -9.15 16.31
C SER A 168 5.33 -8.86 17.79
N THR A 169 5.58 -7.58 18.21
CA THR A 169 5.41 -7.31 19.63
C THR A 169 3.96 -7.25 20.04
N ASP A 170 3.05 -7.02 19.08
CA ASP A 170 1.65 -6.78 19.39
C ASP A 170 0.76 -7.98 19.08
N ASN A 171 1.33 -9.11 18.65
CA ASN A 171 0.47 -10.15 18.10
C ASN A 171 -0.50 -10.74 19.12
N LEU A 172 -1.75 -10.90 18.68
CA LEU A 172 -2.80 -11.52 19.47
C LEU A 172 -3.09 -12.91 18.93
N VAL A 173 -3.59 -13.81 19.79
CA VAL A 173 -4.22 -15.04 19.33
C VAL A 173 -5.68 -15.04 19.75
N VAL A 174 -6.47 -15.91 19.13
CA VAL A 174 -7.93 -15.89 19.30
C VAL A 174 -8.39 -17.32 19.58
N TYR A 175 -9.19 -17.50 20.61
CA TYR A 175 -9.69 -18.84 20.92
C TYR A 175 -11.22 -18.82 20.85
N VAL A 176 -11.81 -19.83 20.24
CA VAL A 176 -13.27 -19.95 20.20
C VAL A 176 -13.67 -21.06 21.19
N PRO A 177 -14.16 -20.74 22.39
CA PRO A 177 -14.37 -21.79 23.40
CA PRO A 177 -14.36 -21.80 23.39
C PRO A 177 -15.41 -22.82 22.99
N SER A 178 -16.48 -22.42 22.31
CA SER A 178 -17.53 -23.36 21.97
C SER A 178 -17.06 -24.43 20.99
N ALA A 179 -15.99 -24.15 20.24
CA ALA A 179 -15.52 -25.04 19.19
C ALA A 179 -14.14 -25.59 19.46
N SER A 180 -13.47 -25.13 20.49
CA SER A 180 -12.07 -25.54 20.79
CA SER A 180 -12.10 -25.57 20.77
C SER A 180 -11.16 -25.22 19.62
N VAL A 181 -11.39 -24.07 18.99
CA VAL A 181 -10.55 -23.62 17.87
C VAL A 181 -9.61 -22.53 18.34
N LEU A 182 -8.31 -22.73 18.12
CA LEU A 182 -7.30 -21.71 18.43
C LEU A 182 -6.75 -21.17 17.13
N TYR A 183 -6.88 -19.86 16.93
CA TYR A 183 -6.29 -19.18 15.77
C TYR A 183 -5.04 -18.46 16.24
N GLY A 184 -3.87 -18.92 15.75
CA GLY A 184 -2.61 -18.37 16.20
C GLY A 184 -2.13 -17.16 15.42
N GLY A 185 -2.74 -16.88 14.28
CA GLY A 185 -2.18 -15.84 13.41
C GLY A 185 -0.72 -16.13 13.10
N CYS A 186 0.06 -15.04 12.86
CA CYS A 186 1.37 -15.28 12.27
C CYS A 186 2.41 -15.68 13.30
N ALA A 187 2.03 -15.73 14.57
CA ALA A 187 2.87 -16.27 15.63
C ALA A 187 2.97 -17.79 15.60
N ILE A 188 2.08 -18.46 14.87
CA ILE A 188 2.10 -19.93 14.81
C ILE A 188 2.31 -20.34 13.36
N TYR A 189 3.30 -21.19 13.11
CA TYR A 189 3.61 -21.65 11.75
C TYR A 189 2.96 -22.99 11.45
N GLU A 190 2.54 -23.17 10.20
CA GLU A 190 2.10 -24.48 9.73
C GLU A 190 3.30 -25.44 9.73
N LEU A 191 2.98 -26.74 9.80
CA LEU A 191 4.02 -27.78 9.88
C LEU A 191 4.95 -27.77 8.69
N SER A 192 4.45 -27.48 7.51
CA SER A 192 5.31 -27.57 6.32
CA SER A 192 5.29 -27.56 6.31
C SER A 192 6.36 -26.46 6.27
N ARG A 193 6.24 -25.43 7.12
CA ARG A 193 7.24 -24.38 7.11
C ARG A 193 8.32 -24.74 8.09
N THR A 194 9.54 -24.99 7.59
CA THR A 194 10.62 -25.41 8.47
C THR A 194 11.71 -24.35 8.60
N SER A 195 11.54 -23.19 7.99
CA SER A 195 12.46 -22.08 8.21
C SER A 195 11.63 -20.83 8.53
N ALA A 196 12.28 -19.84 9.13
CA ALA A 196 11.55 -18.69 9.63
C ALA A 196 11.04 -17.82 8.48
N GLY A 197 9.94 -17.16 8.72
CA GLY A 197 9.40 -16.37 7.64
C GLY A 197 10.12 -15.05 7.53
N ASN A 198 9.33 -14.00 7.42
CA ASN A 198 9.84 -12.68 7.63
C ASN A 198 9.78 -12.48 9.13
N VAL A 199 10.91 -12.15 9.72
CA VAL A 199 10.95 -11.95 11.16
C VAL A 199 11.49 -10.57 11.48
N ALA A 200 11.30 -9.62 10.56
CA ALA A 200 11.93 -8.32 10.76
C ALA A 200 11.44 -7.63 12.02
N ASP A 201 10.19 -7.82 12.39
CA ASP A 201 9.64 -7.16 13.55
C ASP A 201 9.45 -8.12 14.72
N ALA A 202 10.04 -9.31 14.65
CA ALA A 202 9.83 -10.35 15.65
C ALA A 202 10.65 -10.08 16.91
N ASP A 203 10.20 -10.69 18.01
CA ASP A 203 11.01 -10.81 19.21
C ASP A 203 11.37 -12.30 19.29
N LEU A 204 12.48 -12.66 18.63
CA LEU A 204 12.92 -14.06 18.64
C LEU A 204 13.21 -14.53 20.04
N ALA A 205 13.77 -13.66 20.88
CA ALA A 205 14.12 -14.04 22.25
C ALA A 205 12.92 -14.44 23.07
N GLU A 206 11.78 -13.79 22.87
CA GLU A 206 10.58 -14.06 23.64
C GLU A 206 9.61 -15.01 22.99
N TRP A 207 9.78 -15.28 21.70
CA TRP A 207 8.76 -16.05 20.97
C TRP A 207 8.49 -17.40 21.61
N PRO A 208 9.50 -18.21 22.00
CA PRO A 208 9.17 -19.52 22.62
C PRO A 208 8.41 -19.37 23.93
N THR A 209 8.77 -18.36 24.75
CA THR A 209 8.04 -18.16 25.98
C THR A 209 6.61 -17.76 25.71
N SER A 210 6.39 -16.92 24.69
CA SER A 210 5.03 -16.54 24.34
CA SER A 210 5.03 -16.54 24.34
C SER A 210 4.22 -17.75 23.86
N ILE A 211 4.86 -18.64 23.08
CA ILE A 211 4.19 -19.87 22.67
C ILE A 211 3.82 -20.74 23.88
N GLU A 212 4.72 -20.82 24.88
CA GLU A 212 4.38 -21.60 26.06
CA GLU A 212 4.43 -21.56 26.11
C GLU A 212 3.19 -21.00 26.81
N ARG A 213 3.03 -19.68 26.78
CA ARG A 213 1.83 -19.08 27.39
C ARG A 213 0.58 -19.53 26.66
N ILE A 214 0.64 -19.62 25.32
CA ILE A 214 -0.53 -20.09 24.56
C ILE A 214 -0.87 -21.52 24.97
N GLN A 215 0.14 -22.38 25.01
CA GLN A 215 -0.05 -23.78 25.41
C GLN A 215 -0.67 -23.87 26.80
N GLN A 216 -0.20 -23.02 27.73
CA GLN A 216 -0.70 -23.09 29.10
C GLN A 216 -2.14 -22.62 29.18
N HIS A 217 -2.51 -21.63 28.37
CA HIS A 217 -3.84 -21.07 28.45
C HIS A 217 -4.88 -21.89 27.67
N TYR A 218 -4.47 -22.57 26.58
CA TYR A 218 -5.40 -23.29 25.69
C TYR A 218 -4.97 -24.74 25.49
N PRO A 219 -4.73 -25.49 26.58
CA PRO A 219 -4.25 -26.87 26.43
C PRO A 219 -5.31 -27.78 25.86
N GLU A 220 -6.58 -27.36 25.89
CA GLU A 220 -7.69 -28.16 25.39
C GLU A 220 -7.98 -27.90 23.92
N ALA A 221 -7.23 -27.01 23.28
CA ALA A 221 -7.52 -26.68 21.86
C ALA A 221 -7.46 -27.93 21.00
N GLN A 222 -8.44 -28.10 20.13
CA GLN A 222 -8.48 -29.26 19.25
C GLN A 222 -8.10 -28.92 17.83
N PHE A 223 -8.24 -27.66 17.42
CA PHE A 223 -7.92 -27.23 16.05
C PHE A 223 -7.08 -25.98 16.22
N VAL A 224 -5.95 -25.94 15.56
CA VAL A 224 -5.03 -24.81 15.64
C VAL A 224 -4.83 -24.29 14.22
N ILE A 225 -5.14 -23.03 14.00
CA ILE A 225 -5.10 -22.41 12.68
CA ILE A 225 -5.08 -22.43 12.68
C ILE A 225 -3.89 -21.47 12.64
N PRO A 226 -2.92 -21.70 11.77
CA PRO A 226 -1.78 -20.79 11.65
C PRO A 226 -2.19 -19.60 10.79
N GLY A 227 -1.37 -18.56 10.84
CA GLY A 227 -1.61 -17.42 9.98
C GLY A 227 -1.57 -17.73 8.52
N HIS A 228 -0.78 -18.75 8.13
CA HIS A 228 -0.60 -19.13 6.72
C HIS A 228 -0.57 -20.64 6.64
N GLY A 229 -1.38 -21.20 5.78
CA GLY A 229 -1.28 -22.63 5.52
C GLY A 229 -2.21 -23.50 6.33
N LEU A 230 -1.79 -24.78 6.49
CA LEU A 230 -2.73 -25.82 6.87
C LEU A 230 -2.97 -25.86 8.38
N PRO A 231 -4.23 -26.01 8.80
CA PRO A 231 -4.50 -26.24 10.22
CA PRO A 231 -4.48 -26.21 10.23
C PRO A 231 -3.91 -27.55 10.71
N GLY A 232 -3.76 -27.65 12.01
CA GLY A 232 -3.37 -28.89 12.66
C GLY A 232 -3.85 -28.86 14.08
N GLY A 233 -3.10 -29.52 14.97
CA GLY A 233 -3.38 -29.52 16.38
C GLY A 233 -2.35 -28.70 17.13
N LEU A 234 -2.34 -28.87 18.47
CA LEU A 234 -1.37 -28.17 19.31
C LEU A 234 0.08 -28.43 18.93
N ASP A 235 0.34 -29.50 18.19
N ASP A 235 0.36 -29.49 18.20
CA ASP A 235 1.67 -29.77 17.69
CA ASP A 235 1.72 -29.73 17.73
C ASP A 235 2.26 -28.61 16.89
C ASP A 235 2.28 -28.54 16.96
N LEU A 236 1.43 -27.72 16.36
CA LEU A 236 1.97 -26.57 15.64
C LEU A 236 2.77 -25.66 16.57
N LEU A 237 2.44 -25.64 17.86
CA LEU A 237 3.13 -24.71 18.76
C LEU A 237 4.60 -25.14 18.95
N LYS A 238 4.83 -26.39 19.33
CA LYS A 238 6.20 -26.83 19.50
C LYS A 238 6.95 -26.84 18.18
N HIS A 239 6.26 -27.09 17.07
CA HIS A 239 6.91 -26.97 15.77
C HIS A 239 7.43 -25.55 15.55
N THR A 240 6.59 -24.56 15.88
CA THR A 240 6.96 -23.16 15.70
C THR A 240 8.16 -22.82 16.58
N THR A 241 8.13 -23.25 17.85
CA THR A 241 9.27 -23.03 18.74
C THR A 241 10.54 -23.63 18.14
N ASN A 242 10.44 -24.85 17.59
CA ASN A 242 11.63 -25.46 17.00
CA ASN A 242 11.62 -25.48 17.00
C ASN A 242 12.19 -24.62 15.87
N VAL A 243 11.31 -24.12 14.99
CA VAL A 243 11.77 -23.32 13.87
C VAL A 243 12.41 -22.02 14.38
N VAL A 244 11.77 -21.38 15.37
CA VAL A 244 12.27 -20.10 15.87
C VAL A 244 13.61 -20.28 16.57
N LYS A 245 13.76 -21.36 17.33
CA LYS A 245 15.05 -21.56 18.00
C LYS A 245 16.14 -21.88 17.00
N ALA A 246 15.82 -22.67 15.96
CA ALA A 246 16.81 -22.97 14.92
C ALA A 246 17.24 -21.69 14.21
N HIS A 247 16.29 -20.80 13.95
CA HIS A 247 16.64 -19.53 13.34
C HIS A 247 17.48 -18.67 14.28
N THR A 248 17.13 -18.69 15.57
CA THR A 248 17.92 -17.97 16.57
C THR A 248 19.38 -18.39 16.50
N ASN A 249 19.63 -19.67 16.33
CA ASN A 249 20.99 -20.21 16.33
C ASN A 249 21.65 -20.19 14.96
N ARG A 250 20.98 -19.66 13.95
CA ARG A 250 21.52 -19.61 12.58
C ARG A 250 22.94 -19.02 12.45
N GLU B 20 8.74 32.53 -3.07
CA GLU B 20 9.25 31.34 -2.38
C GLU B 20 9.61 30.26 -3.41
N TYR B 21 8.60 29.82 -4.13
CA TYR B 21 8.79 28.74 -5.07
C TYR B 21 9.66 29.20 -6.23
N PRO B 22 10.65 28.41 -6.64
CA PRO B 22 11.50 28.83 -7.76
C PRO B 22 10.71 28.90 -9.07
N THR B 23 10.94 29.98 -9.79
CA THR B 23 10.21 30.22 -11.03
C THR B 23 11.14 30.05 -12.20
N VAL B 24 10.53 29.86 -13.36
CA VAL B 24 11.31 29.55 -14.55
C VAL B 24 12.45 30.53 -14.76
N SER B 25 12.24 31.81 -14.38
CA SER B 25 13.21 32.88 -14.60
C SER B 25 14.50 32.74 -13.80
N GLU B 26 14.48 31.99 -12.69
CA GLU B 26 15.58 31.97 -11.73
C GLU B 26 16.45 30.72 -11.81
N ILE B 27 16.18 29.83 -12.76
CA ILE B 27 16.92 28.58 -12.87
C ILE B 27 17.53 28.45 -14.27
N PRO B 28 18.83 28.61 -14.38
CA PRO B 28 19.51 28.34 -15.66
C PRO B 28 19.32 26.89 -16.06
N VAL B 29 19.16 26.65 -17.37
CA VAL B 29 19.05 25.28 -17.87
C VAL B 29 20.29 24.51 -17.46
N GLY B 30 20.10 23.32 -16.87
CA GLY B 30 21.18 22.52 -16.32
C GLY B 30 21.27 22.55 -14.80
N GLU B 31 20.60 23.51 -14.14
CA GLU B 31 20.52 23.57 -12.70
C GLU B 31 19.18 23.05 -12.22
N VAL B 32 19.19 22.57 -11.00
CA VAL B 32 18.00 22.04 -10.35
C VAL B 32 17.86 22.64 -8.97
N ARG B 33 16.63 23.07 -8.65
CA ARG B 33 16.32 23.56 -7.31
C ARG B 33 15.45 22.54 -6.61
N LEU B 34 15.57 22.48 -5.30
CA LEU B 34 14.63 21.72 -4.49
C LEU B 34 13.79 22.69 -3.66
N TYR B 35 12.57 22.28 -3.35
CA TYR B 35 11.68 23.10 -2.55
C TYR B 35 10.95 22.20 -1.57
N GLN B 36 11.17 22.41 -0.29
CA GLN B 36 10.55 21.50 0.68
C GLN B 36 9.11 21.94 0.89
N ILE B 37 8.18 21.06 0.56
CA ILE B 37 6.75 21.33 0.70
C ILE B 37 6.24 21.02 2.08
N ALA B 38 6.74 19.96 2.68
CA ALA B 38 6.29 19.50 3.97
C ALA B 38 7.37 18.57 4.48
N ASP B 39 7.21 18.08 5.70
CA ASP B 39 8.22 17.22 6.28
C ASP B 39 8.43 15.97 5.41
N GLY B 40 9.67 15.70 4.98
CA GLY B 40 9.97 14.54 4.11
C GLY B 40 9.43 14.62 2.70
N VAL B 41 8.99 15.79 2.23
CA VAL B 41 8.46 15.91 0.88
C VAL B 41 9.01 17.17 0.24
N TRP B 42 9.61 17.02 -0.95
CA TRP B 42 10.16 18.14 -1.69
C TRP B 42 9.62 18.05 -3.12
N SER B 43 9.54 19.19 -3.80
CA SER B 43 9.52 19.14 -5.26
C SER B 43 10.94 19.43 -5.73
N HIS B 44 11.22 18.97 -6.94
CA HIS B 44 12.42 19.33 -7.68
C HIS B 44 11.98 20.12 -8.89
N ILE B 45 12.75 21.16 -9.20
CA ILE B 45 12.39 22.10 -10.27
C ILE B 45 13.58 22.25 -11.18
N ALA B 46 13.37 22.06 -12.48
CA ALA B 46 14.42 22.19 -13.48
C ALA B 46 13.84 22.98 -14.65
N THR B 47 14.69 23.34 -15.60
CA THR B 47 14.22 24.07 -16.76
C THR B 47 14.76 23.42 -18.03
N GLN B 48 14.03 23.66 -19.11
CA GLN B 48 14.41 23.11 -20.39
C GLN B 48 13.95 24.08 -21.47
N SER B 49 14.80 24.22 -22.50
CA SER B 49 14.44 24.92 -23.71
C SER B 49 13.66 24.00 -24.63
N PHE B 50 12.54 24.47 -25.16
CA PHE B 50 11.63 23.60 -25.91
C PHE B 50 10.90 24.52 -26.89
N ASP B 51 11.18 24.35 -28.19
CA ASP B 51 10.64 25.24 -29.22
C ASP B 51 11.05 26.70 -28.98
N GLY B 52 12.29 26.93 -28.55
CA GLY B 52 12.78 28.28 -28.39
C GLY B 52 12.35 29.05 -27.14
N ALA B 53 11.41 28.51 -26.35
CA ALA B 53 11.08 29.09 -25.06
C ALA B 53 11.68 28.25 -23.97
N VAL B 54 11.63 28.76 -22.75
CA VAL B 54 12.06 28.03 -21.55
C VAL B 54 10.88 27.75 -20.67
N TYR B 55 10.82 26.50 -20.20
CA TYR B 55 9.73 26.04 -19.37
C TYR B 55 10.33 25.46 -18.10
N PRO B 56 9.72 25.72 -16.95
CA PRO B 56 10.09 24.96 -15.75
C PRO B 56 9.34 23.64 -15.71
N SER B 57 9.83 22.71 -14.90
CA SER B 57 9.19 21.41 -14.77
C SER B 57 9.43 20.91 -13.35
N ASN B 58 8.39 20.32 -12.77
CA ASN B 58 8.47 19.77 -11.43
C ASN B 58 8.50 18.24 -11.42
N GLY B 59 9.14 17.71 -10.39
CA GLY B 59 8.94 16.36 -9.92
C GLY B 59 8.83 16.36 -8.41
N LEU B 60 8.87 15.19 -7.77
CA LEU B 60 8.67 15.07 -6.34
C LEU B 60 9.75 14.18 -5.75
N ILE B 61 10.08 14.41 -4.47
CA ILE B 61 11.02 13.58 -3.68
C ILE B 61 10.31 13.29 -2.37
N VAL B 62 10.22 12.02 -2.00
CA VAL B 62 9.52 11.62 -0.79
C VAL B 62 10.44 10.76 0.05
N ARG B 63 10.66 11.16 1.31
CA ARG B 63 11.51 10.35 2.18
C ARG B 63 10.83 9.02 2.54
N ASP B 64 11.63 7.94 2.47
CA ASP B 64 11.18 6.52 2.53
C ASP B 64 12.11 5.83 3.57
N GLY B 65 11.88 6.14 4.83
CA GLY B 65 12.78 5.71 5.89
C GLY B 65 14.12 6.45 5.82
N ASP B 66 15.21 5.73 5.57
CA ASP B 66 16.51 6.35 5.36
C ASP B 66 16.88 6.40 3.89
N GLU B 67 15.89 6.27 3.02
CA GLU B 67 16.09 6.34 1.58
C GLU B 67 15.09 7.33 1.00
N LEU B 68 15.24 7.61 -0.28
CA LEU B 68 14.35 8.54 -0.98
C LEU B 68 13.68 7.86 -2.17
N LEU B 69 12.40 8.15 -2.34
CA LEU B 69 11.62 7.82 -3.52
C LEU B 69 11.54 9.06 -4.40
N LEU B 70 11.97 8.90 -5.66
CA LEU B 70 11.92 9.97 -6.64
C LEU B 70 10.71 9.80 -7.55
N ILE B 71 9.97 10.89 -7.78
CA ILE B 71 8.90 10.92 -8.76
C ILE B 71 9.34 11.83 -9.89
N ASP B 72 9.52 11.21 -11.06
CA ASP B 72 9.89 11.86 -12.32
C ASP B 72 11.34 12.34 -12.42
N THR B 73 11.88 12.29 -13.63
CA THR B 73 13.22 12.82 -13.86
C THR B 73 13.15 14.35 -13.95
N ALA B 74 14.31 15.00 -14.12
CA ALA B 74 14.39 16.45 -14.25
C ALA B 74 14.51 16.87 -15.70
N TRP B 75 13.97 16.05 -16.60
CA TRP B 75 13.83 16.38 -18.01
C TRP B 75 15.19 16.43 -18.70
N GLY B 76 15.78 15.26 -18.84
CA GLY B 76 17.01 15.07 -19.58
C GLY B 76 18.16 14.55 -18.73
N ALA B 77 19.18 13.99 -19.36
CA ALA B 77 20.31 13.39 -18.66
C ALA B 77 21.07 14.40 -17.82
N LYS B 78 21.42 15.54 -18.43
CA LYS B 78 22.20 16.56 -17.70
C LYS B 78 21.44 17.08 -16.49
N ASN B 79 20.16 17.45 -16.66
CA ASN B 79 19.40 17.93 -15.51
C ASN B 79 19.25 16.84 -14.47
N THR B 80 19.10 15.57 -14.90
CA THR B 80 18.87 14.53 -13.91
C THR B 80 20.15 14.23 -13.14
N ALA B 81 21.31 14.33 -13.78
CA ALA B 81 22.58 14.27 -13.02
C ALA B 81 22.63 15.41 -12.00
N ALA B 82 22.24 16.61 -12.41
CA ALA B 82 22.23 17.74 -11.50
C ALA B 82 21.24 17.51 -10.37
N LEU B 83 20.09 16.93 -10.68
CA LEU B 83 19.11 16.60 -9.66
C LEU B 83 19.70 15.68 -8.61
N LEU B 84 20.40 14.61 -9.03
CA LEU B 84 21.00 13.70 -8.03
C LEU B 84 22.03 14.44 -7.20
N ALA B 85 22.83 15.31 -7.83
CA ALA B 85 23.83 16.06 -7.08
C ALA B 85 23.14 16.98 -6.09
N GLU B 86 22.03 17.61 -6.47
CA GLU B 86 21.37 18.54 -5.56
C GLU B 86 20.72 17.80 -4.40
N ILE B 87 20.12 16.65 -4.68
CA ILE B 87 19.61 15.78 -3.62
C ILE B 87 20.73 15.43 -2.63
N GLU B 88 21.89 15.05 -3.15
CA GLU B 88 22.98 14.68 -2.26
C GLU B 88 23.43 15.87 -1.42
N LYS B 89 23.50 17.04 -2.03
CA LYS B 89 23.91 18.23 -1.30
C LYS B 89 22.91 18.61 -0.22
N GLN B 90 21.60 18.55 -0.50
CA GLN B 90 20.62 19.17 0.40
C GLN B 90 19.95 18.18 1.32
N ILE B 91 19.89 16.92 0.94
CA ILE B 91 19.21 15.88 1.71
C ILE B 91 20.19 14.81 2.16
N GLY B 92 21.03 14.34 1.23
CA GLY B 92 22.11 13.42 1.60
C GLY B 92 21.68 12.00 1.87
N LEU B 93 20.49 11.58 1.42
CA LEU B 93 20.04 10.21 1.50
C LEU B 93 20.01 9.64 0.11
N PRO B 94 20.18 8.32 -0.05
CA PRO B 94 20.18 7.71 -1.38
C PRO B 94 18.79 7.61 -1.98
N VAL B 95 18.71 7.94 -3.27
CA VAL B 95 17.51 7.64 -4.04
C VAL B 95 17.58 6.16 -4.42
N THR B 96 16.61 5.39 -3.98
CA THR B 96 16.64 3.97 -4.27
C THR B 96 15.63 3.53 -5.29
N ARG B 97 14.50 4.25 -5.41
CA ARG B 97 13.52 3.93 -6.44
C ARG B 97 13.06 5.22 -7.07
N ALA B 98 12.61 5.14 -8.31
CA ALA B 98 12.00 6.26 -9.00
C ALA B 98 10.78 5.79 -9.77
N VAL B 99 9.73 6.61 -9.81
CA VAL B 99 8.55 6.32 -10.60
C VAL B 99 8.41 7.44 -11.60
N SER B 100 8.20 7.11 -12.89
CA SER B 100 7.85 8.11 -13.89
C SER B 100 6.34 8.07 -14.15
N THR B 101 5.72 9.25 -14.19
CA THR B 101 4.27 9.32 -14.17
C THR B 101 3.62 9.36 -15.54
N HIS B 102 4.40 9.53 -16.62
CA HIS B 102 3.94 9.19 -17.96
C HIS B 102 5.14 9.13 -18.85
N PHE B 103 4.92 8.88 -20.14
CA PHE B 103 5.98 8.46 -21.04
C PHE B 103 6.77 9.59 -21.69
N HIS B 104 6.38 10.86 -21.57
CA HIS B 104 7.07 11.93 -22.25
C HIS B 104 8.44 12.25 -21.60
N ASP B 105 9.28 12.92 -22.37
CA ASP B 105 10.67 13.10 -21.96
CA ASP B 105 10.67 13.17 -22.00
C ASP B 105 10.83 13.92 -20.69
N ASP B 106 9.87 14.79 -20.34
CA ASP B 106 10.01 15.53 -19.08
C ASP B 106 9.81 14.65 -17.86
N ARG B 107 9.35 13.41 -18.05
CA ARG B 107 9.16 12.43 -16.98
C ARG B 107 10.13 11.27 -17.02
N VAL B 108 10.61 10.86 -18.20
CA VAL B 108 11.51 9.72 -18.33
C VAL B 108 12.88 10.10 -18.86
N GLY B 109 13.07 11.30 -19.40
CA GLY B 109 14.38 11.65 -19.93
C GLY B 109 15.35 11.82 -18.77
N GLY B 110 16.37 11.00 -18.71
CA GLY B 110 17.17 10.90 -17.51
C GLY B 110 17.04 9.59 -16.77
N VAL B 111 16.13 8.69 -17.19
CA VAL B 111 16.03 7.35 -16.59
C VAL B 111 17.37 6.61 -16.66
N ASP B 112 18.12 6.78 -17.76
CA ASP B 112 19.38 6.04 -17.90
C ASP B 112 20.39 6.53 -16.86
N VAL B 113 20.41 7.84 -16.58
CA VAL B 113 21.28 8.39 -15.54
C VAL B 113 20.91 7.83 -14.17
N LEU B 114 19.60 7.77 -13.89
CA LEU B 114 19.14 7.19 -12.62
C LEU B 114 19.58 5.74 -12.51
N ARG B 115 19.37 4.95 -13.57
CA ARG B 115 19.72 3.53 -13.56
C ARG B 115 21.22 3.35 -13.33
N ALA B 116 22.05 4.16 -14.01
CA ALA B 116 23.50 4.03 -13.84
C ALA B 116 23.94 4.38 -12.43
N ALA B 117 23.16 5.24 -11.75
CA ALA B 117 23.41 5.63 -10.38
C ALA B 117 22.92 4.59 -9.37
N GLY B 118 22.33 3.49 -9.82
CA GLY B 118 21.85 2.43 -8.95
C GLY B 118 20.38 2.54 -8.55
N VAL B 119 19.64 3.46 -9.16
CA VAL B 119 18.24 3.65 -8.78
C VAL B 119 17.40 2.64 -9.54
N ALA B 120 16.46 1.99 -8.86
CA ALA B 120 15.49 1.09 -9.50
C ALA B 120 14.37 1.95 -10.07
N THR B 121 14.23 1.95 -11.41
CA THR B 121 13.29 2.84 -12.10
C THR B 121 12.04 2.05 -12.44
N TYR B 122 10.88 2.70 -12.25
CA TYR B 122 9.57 2.08 -12.39
C TYR B 122 8.66 2.94 -13.24
N ALA B 123 7.73 2.27 -13.93
CA ALA B 123 6.60 2.91 -14.59
C ALA B 123 5.57 1.83 -14.83
N SER B 124 4.35 2.24 -15.16
CA SER B 124 3.34 1.25 -15.54
C SER B 124 3.71 0.57 -16.84
N PRO B 125 3.15 -0.61 -17.10
CA PRO B 125 3.36 -1.22 -18.42
C PRO B 125 2.94 -0.30 -19.56
N SER B 126 1.84 0.45 -19.38
CA SER B 126 1.39 1.37 -20.41
CA SER B 126 1.41 1.35 -20.43
CA SER B 126 1.38 1.38 -20.41
C SER B 126 2.45 2.43 -20.70
N THR B 127 3.01 3.04 -19.65
CA THR B 127 4.04 4.04 -19.84
C THR B 127 5.25 3.43 -20.53
N ARG B 128 5.69 2.24 -20.09
CA ARG B 128 6.86 1.62 -20.70
C ARG B 128 6.64 1.36 -22.19
N ARG B 129 5.46 0.85 -22.55
CA ARG B 129 5.08 0.60 -23.93
CA ARG B 129 5.18 0.59 -23.95
C ARG B 129 5.16 1.88 -24.76
N LEU B 130 4.53 2.93 -24.25
CA LEU B 130 4.47 4.20 -24.98
C LEU B 130 5.83 4.84 -25.09
N ALA B 131 6.65 4.74 -24.04
CA ALA B 131 8.01 5.26 -24.14
C ALA B 131 8.78 4.55 -25.23
N GLU B 132 8.68 3.23 -25.27
CA GLU B 132 9.40 2.50 -26.29
CA GLU B 132 9.39 2.47 -26.29
C GLU B 132 8.95 2.89 -27.69
N VAL B 133 7.62 3.02 -27.93
CA VAL B 133 7.12 3.45 -29.23
C VAL B 133 7.68 4.83 -29.60
N GLU B 134 7.73 5.73 -28.64
CA GLU B 134 8.17 7.09 -28.86
C GLU B 134 9.66 7.20 -29.07
N GLY B 135 10.43 6.23 -28.63
CA GLY B 135 11.87 6.38 -28.60
C GLY B 135 12.40 7.06 -27.37
N ASN B 136 11.63 7.13 -26.28
CA ASN B 136 12.12 7.69 -25.03
C ASN B 136 12.75 6.61 -24.16
N GLU B 137 13.49 7.03 -23.12
CA GLU B 137 14.03 6.06 -22.20
C GLU B 137 12.89 5.31 -21.50
N ILE B 138 13.18 4.09 -21.08
CA ILE B 138 12.17 3.15 -20.63
C ILE B 138 12.51 2.74 -19.20
N PRO B 139 11.73 3.14 -18.20
CA PRO B 139 11.94 2.63 -16.84
C PRO B 139 11.97 1.11 -16.82
N THR B 140 12.83 0.54 -15.97
CA THR B 140 13.08 -0.90 -16.03
C THR B 140 11.96 -1.75 -15.44
N HIS B 141 11.43 -1.38 -14.29
CA HIS B 141 10.45 -2.18 -13.56
CA HIS B 141 10.48 -2.20 -13.57
C HIS B 141 9.05 -1.74 -13.87
N SER B 142 8.10 -2.67 -13.75
CA SER B 142 6.71 -2.41 -14.06
C SER B 142 5.89 -2.22 -12.78
N LEU B 143 5.00 -1.23 -12.79
CA LEU B 143 4.05 -1.01 -11.71
C LEU B 143 2.77 -1.72 -12.09
N GLU B 144 2.40 -2.76 -11.34
CA GLU B 144 1.22 -3.52 -11.69
C GLU B 144 0.01 -2.93 -10.95
N GLY B 145 -1.20 -3.25 -11.41
CA GLY B 145 -2.38 -2.86 -10.67
C GLY B 145 -2.91 -1.47 -10.97
N LEU B 146 -2.51 -0.85 -12.08
CA LEU B 146 -2.86 0.54 -12.37
C LEU B 146 -3.49 0.71 -13.73
N SER B 147 -3.95 -0.36 -14.38
CA SER B 147 -4.33 -0.22 -15.78
C SER B 147 -5.78 0.24 -15.97
N SER B 148 -6.60 0.23 -14.95
CA SER B 148 -8.00 0.62 -15.04
CA SER B 148 -7.99 0.63 -15.06
C SER B 148 -8.22 1.95 -14.33
N SER B 149 -8.95 2.86 -14.96
CA SER B 149 -9.26 4.15 -14.31
CA SER B 149 -9.21 4.15 -14.30
C SER B 149 -9.82 3.93 -12.93
N GLY B 150 -9.30 4.70 -11.97
CA GLY B 150 -9.67 4.54 -10.58
C GLY B 150 -8.76 3.62 -9.79
N ASP B 151 -7.83 2.90 -10.44
CA ASP B 151 -6.96 1.99 -9.69
C ASP B 151 -5.96 2.76 -8.83
N ALA B 152 -5.69 2.28 -7.64
CA ALA B 152 -4.71 2.85 -6.72
C ALA B 152 -3.88 1.69 -6.18
N VAL B 153 -2.57 1.92 -5.99
CA VAL B 153 -1.69 0.94 -5.36
C VAL B 153 -0.75 1.69 -4.44
N ARG B 154 -0.36 1.05 -3.36
CA ARG B 154 0.65 1.64 -2.51
C ARG B 154 2.03 1.46 -3.11
N PHE B 155 2.89 2.45 -2.91
CA PHE B 155 4.29 2.32 -3.28
C PHE B 155 5.11 2.99 -2.18
N GLY B 156 5.40 2.22 -1.13
CA GLY B 156 6.08 2.75 0.04
C GLY B 156 5.30 3.90 0.65
N PRO B 157 5.91 5.08 0.71
CA PRO B 157 5.27 6.21 1.40
C PRO B 157 4.28 6.98 0.55
N VAL B 158 4.00 6.53 -0.66
CA VAL B 158 2.98 7.18 -1.48
C VAL B 158 1.94 6.17 -1.91
N GLU B 159 0.84 6.71 -2.39
CA GLU B 159 -0.14 5.99 -3.18
C GLU B 159 -0.03 6.45 -4.63
N LEU B 160 -0.02 5.50 -5.55
CA LEU B 160 -0.09 5.78 -6.99
C LEU B 160 -1.52 5.59 -7.44
N PHE B 161 -2.02 6.52 -8.27
CA PHE B 161 -3.38 6.48 -8.73
C PHE B 161 -3.43 6.70 -10.23
N TYR B 162 -4.19 5.86 -10.93
CA TYR B 162 -4.43 6.06 -12.35
C TYR B 162 -5.82 6.67 -12.48
N PRO B 163 -5.94 7.96 -12.83
CA PRO B 163 -7.27 8.60 -12.84
C PRO B 163 -8.02 8.40 -14.14
N GLY B 164 -7.41 7.77 -15.15
CA GLY B 164 -7.94 7.76 -16.50
C GLY B 164 -7.10 8.68 -17.38
N ALA B 165 -7.38 8.61 -18.66
CA ALA B 165 -6.63 9.36 -19.65
C ALA B 165 -6.89 10.84 -19.48
N ALA B 166 -5.82 11.64 -19.66
CA ALA B 166 -5.96 13.10 -19.45
C ALA B 166 -4.95 13.80 -20.34
N HIS B 167 -3.89 14.34 -19.75
CA HIS B 167 -2.75 14.82 -20.51
C HIS B 167 -2.18 13.75 -21.43
N SER B 168 -2.15 12.50 -20.97
CA SER B 168 -1.77 11.35 -21.77
C SER B 168 -2.62 10.19 -21.30
N THR B 169 -2.58 9.09 -22.05
CA THR B 169 -3.42 7.95 -21.68
C THR B 169 -2.91 7.26 -20.45
N ASP B 170 -1.60 7.39 -20.17
CA ASP B 170 -0.96 6.64 -19.11
C ASP B 170 -0.70 7.46 -17.87
N ASN B 171 -1.12 8.71 -17.83
CA ASN B 171 -0.71 9.59 -16.73
C ASN B 171 -1.13 9.08 -15.35
N LEU B 172 -0.17 9.03 -14.42
CA LEU B 172 -0.43 8.70 -13.03
C LEU B 172 -0.35 9.95 -12.16
N VAL B 173 -1.07 9.93 -11.05
CA VAL B 173 -0.89 10.94 -10.00
C VAL B 173 -0.38 10.22 -8.75
N VAL B 174 0.24 10.99 -7.86
CA VAL B 174 0.93 10.44 -6.69
C VAL B 174 0.44 11.21 -5.47
N TYR B 175 0.08 10.47 -4.41
CA TYR B 175 -0.40 11.12 -3.20
C TYR B 175 0.52 10.73 -2.04
N VAL B 176 0.90 11.69 -1.19
CA VAL B 176 1.74 11.41 -0.02
C VAL B 176 0.83 11.54 1.19
N PRO B 177 0.30 10.43 1.74
CA PRO B 177 -0.71 10.57 2.80
CA PRO B 177 -0.71 10.56 2.80
C PRO B 177 -0.22 11.27 4.04
N SER B 178 1.04 11.08 4.43
CA SER B 178 1.51 11.67 5.68
C SER B 178 1.58 13.17 5.60
N ALA B 179 1.66 13.72 4.40
CA ALA B 179 1.85 15.15 4.20
C ALA B 179 0.66 15.81 3.54
N SER B 180 -0.34 15.03 3.11
CA SER B 180 -1.47 15.55 2.31
C SER B 180 -1.02 16.29 1.05
N VAL B 181 0.00 15.77 0.38
CA VAL B 181 0.54 16.33 -0.87
C VAL B 181 0.06 15.48 -2.03
N LEU B 182 -0.64 16.11 -2.96
CA LEU B 182 -1.07 15.47 -4.20
C LEU B 182 -0.21 16.01 -5.34
N TYR B 183 0.51 15.12 -6.01
CA TYR B 183 1.31 15.48 -7.15
C TYR B 183 0.55 15.06 -8.39
N GLY B 184 0.12 16.06 -9.19
CA GLY B 184 -0.71 15.74 -10.32
C GLY B 184 0.02 15.50 -11.59
N GLY B 185 1.31 15.80 -11.62
CA GLY B 185 2.05 15.69 -12.87
C GLY B 185 1.38 16.54 -13.95
N CYS B 186 1.57 16.13 -15.20
CA CYS B 186 1.22 17.03 -16.32
C CYS B 186 -0.28 17.00 -16.61
N ALA B 187 -1.04 16.19 -15.89
CA ALA B 187 -2.52 16.22 -15.93
C ALA B 187 -3.13 17.41 -15.20
N ILE B 188 -2.36 18.12 -14.36
CA ILE B 188 -2.89 19.24 -13.58
C ILE B 188 -2.05 20.45 -13.94
N TYR B 189 -2.72 21.55 -14.32
CA TYR B 189 -2.07 22.79 -14.71
C TYR B 189 -1.99 23.76 -13.51
N GLU B 190 -0.90 24.55 -13.49
CA GLU B 190 -0.85 25.66 -12.54
C GLU B 190 -1.86 26.75 -12.93
N LEU B 191 -2.21 27.56 -11.95
CA LEU B 191 -3.25 28.60 -12.16
C LEU B 191 -2.85 29.61 -13.23
N SER B 192 -1.56 29.97 -13.31
CA SER B 192 -1.05 30.93 -14.28
CA SER B 192 -1.17 30.98 -14.28
C SER B 192 -1.31 30.52 -15.72
N ARG B 193 -1.44 29.21 -15.98
N ARG B 193 -1.44 29.22 -15.97
CA ARG B 193 -1.62 28.74 -17.34
CA ARG B 193 -1.62 28.70 -17.32
C ARG B 193 -3.10 28.73 -17.67
C ARG B 193 -3.11 28.75 -17.64
N THR B 194 -3.50 29.61 -18.57
CA THR B 194 -4.90 29.77 -18.90
C THR B 194 -5.20 29.23 -20.28
N SER B 195 -4.22 28.67 -20.96
CA SER B 195 -4.41 28.01 -22.25
CA SER B 195 -4.44 28.00 -22.23
C SER B 195 -3.80 26.62 -22.16
N ALA B 196 -4.34 25.71 -22.95
CA ALA B 196 -3.87 24.33 -22.92
C ALA B 196 -2.45 24.26 -23.44
N GLY B 197 -1.70 23.30 -22.91
CA GLY B 197 -0.35 23.13 -23.39
C GLY B 197 -0.33 22.51 -24.76
N ASN B 198 0.80 21.93 -25.05
CA ASN B 198 0.83 20.86 -25.99
C ASN B 198 -0.10 19.77 -25.48
N VAL B 199 -1.02 19.36 -26.33
CA VAL B 199 -1.97 18.30 -25.98
C VAL B 199 -1.96 17.19 -27.01
N ALA B 200 -0.82 17.01 -27.67
CA ALA B 200 -0.77 16.11 -28.82
C ALA B 200 -1.20 14.68 -28.45
N ASP B 201 -0.89 14.24 -27.25
CA ASP B 201 -1.15 12.87 -26.84
C ASP B 201 -2.31 12.80 -25.83
N ALA B 202 -3.06 13.89 -25.66
CA ALA B 202 -4.07 13.94 -24.63
C ALA B 202 -5.37 13.32 -25.07
N ASP B 203 -6.21 13.01 -24.09
CA ASP B 203 -7.58 12.61 -24.35
C ASP B 203 -8.43 13.74 -23.81
N LEU B 204 -8.72 14.72 -24.67
CA LEU B 204 -9.48 15.88 -24.22
C LEU B 204 -10.84 15.46 -23.75
N ALA B 205 -11.44 14.48 -24.43
CA ALA B 205 -12.81 14.11 -24.10
C ALA B 205 -12.91 13.53 -22.70
N GLU B 206 -11.87 12.84 -22.24
CA GLU B 206 -11.89 12.18 -20.95
CA GLU B 206 -11.89 12.18 -20.96
C GLU B 206 -11.23 12.99 -19.84
N TRP B 207 -10.44 14.00 -20.18
CA TRP B 207 -9.61 14.65 -19.17
C TRP B 207 -10.43 15.23 -18.02
N PRO B 208 -11.57 15.91 -18.22
CA PRO B 208 -12.35 16.38 -17.05
C PRO B 208 -12.86 15.25 -16.19
N THR B 209 -13.28 14.13 -16.79
CA THR B 209 -13.73 13.00 -15.98
C THR B 209 -12.59 12.45 -15.16
N SER B 210 -11.41 12.37 -15.74
CA SER B 210 -10.24 11.89 -14.98
C SER B 210 -9.91 12.82 -13.82
N ILE B 211 -10.01 14.15 -14.04
CA ILE B 211 -9.78 15.08 -12.95
C ILE B 211 -10.81 14.88 -11.83
N GLU B 212 -12.08 14.63 -12.20
CA GLU B 212 -13.09 14.41 -11.17
C GLU B 212 -12.77 13.16 -10.35
N ARG B 213 -12.21 12.11 -10.98
CA ARG B 213 -11.77 10.94 -10.22
C ARG B 213 -10.70 11.31 -9.21
N ILE B 214 -9.77 12.22 -9.57
CA ILE B 214 -8.75 12.65 -8.61
C ILE B 214 -9.42 13.36 -7.44
N GLN B 215 -10.33 14.30 -7.72
CA GLN B 215 -11.04 15.01 -6.65
C GLN B 215 -11.76 14.04 -5.73
N GLN B 216 -12.41 13.04 -6.30
CA GLN B 216 -13.19 12.12 -5.48
C GLN B 216 -12.28 11.24 -4.64
N HIS B 217 -11.08 10.95 -5.13
CA HIS B 217 -10.19 10.04 -4.42
C HIS B 217 -9.35 10.73 -3.39
N TYR B 218 -9.01 12.01 -3.61
CA TYR B 218 -8.10 12.75 -2.71
C TYR B 218 -8.70 14.08 -2.27
N PRO B 219 -9.94 14.08 -1.74
CA PRO B 219 -10.57 15.34 -1.37
C PRO B 219 -9.90 15.99 -0.18
N GLU B 220 -9.09 15.25 0.56
CA GLU B 220 -8.36 15.78 1.72
C GLU B 220 -7.05 16.45 1.35
N ALA B 221 -6.64 16.45 0.07
CA ALA B 221 -5.34 16.99 -0.28
C ALA B 221 -5.23 18.48 0.08
N GLN B 222 -4.10 18.84 0.64
CA GLN B 222 -3.84 20.21 1.09
C GLN B 222 -2.87 20.92 0.19
N PHE B 223 -1.98 20.21 -0.48
CA PHE B 223 -1.01 20.80 -1.41
C PHE B 223 -1.12 20.03 -2.70
N VAL B 224 -1.26 20.74 -3.81
CA VAL B 224 -1.37 20.15 -5.14
C VAL B 224 -0.24 20.68 -6.00
N ILE B 225 0.55 19.76 -6.53
CA ILE B 225 1.74 20.10 -7.30
CA ILE B 225 1.73 20.12 -7.31
C ILE B 225 1.47 19.81 -8.78
N PRO B 226 1.49 20.80 -9.66
CA PRO B 226 1.31 20.56 -11.10
C PRO B 226 2.63 20.06 -11.70
N GLY B 227 2.54 19.50 -12.92
CA GLY B 227 3.76 19.10 -13.61
C GLY B 227 4.70 20.25 -13.89
N HIS B 228 4.14 21.45 -14.05
CA HIS B 228 4.90 22.65 -14.40
C HIS B 228 4.35 23.81 -13.62
N GLY B 229 5.22 24.54 -12.95
CA GLY B 229 4.79 25.76 -12.29
C GLY B 229 4.43 25.65 -10.82
N LEU B 230 3.63 26.63 -10.34
CA LEU B 230 3.49 26.86 -8.92
C LEU B 230 2.49 25.91 -8.27
N PRO B 231 2.83 25.41 -7.08
CA PRO B 231 1.85 24.65 -6.30
C PRO B 231 0.64 25.46 -5.90
N GLY B 232 -0.42 24.77 -5.58
CA GLY B 232 -1.58 25.39 -4.98
C GLY B 232 -2.35 24.38 -4.18
N GLY B 233 -3.68 24.54 -4.13
CA GLY B 233 -4.53 23.59 -3.50
C GLY B 233 -5.38 22.83 -4.50
N LEU B 234 -6.45 22.21 -4.01
CA LEU B 234 -7.36 21.48 -4.89
C LEU B 234 -8.01 22.35 -5.94
N ASP B 235 -7.98 23.68 -5.79
CA ASP B 235 -8.55 24.51 -6.84
C ASP B 235 -7.81 24.37 -8.18
N LEU B 236 -6.59 23.83 -8.19
CA LEU B 236 -5.95 23.59 -9.46
C LEU B 236 -6.74 22.61 -10.32
N LEU B 237 -7.53 21.72 -9.70
CA LEU B 237 -8.24 20.70 -10.48
C LEU B 237 -9.31 21.35 -11.34
N LYS B 238 -10.19 22.16 -10.72
CA LYS B 238 -11.24 22.81 -11.50
CA LYS B 238 -11.24 22.76 -11.55
C LYS B 238 -10.66 23.81 -12.48
N HIS B 239 -9.56 24.46 -12.10
CA HIS B 239 -8.88 25.34 -13.04
C HIS B 239 -8.46 24.55 -14.29
N THR B 240 -7.85 23.38 -14.10
CA THR B 240 -7.41 22.60 -15.23
C THR B 240 -8.60 22.20 -16.09
N THR B 241 -9.69 21.74 -15.45
CA THR B 241 -10.89 21.40 -16.21
CA THR B 241 -10.86 21.39 -16.23
C THR B 241 -11.36 22.58 -17.05
N ASN B 242 -11.38 23.78 -16.45
CA ASN B 242 -11.81 24.97 -17.17
CA ASN B 242 -11.81 24.96 -17.18
C ASN B 242 -10.95 25.20 -18.41
N VAL B 243 -9.63 25.07 -18.28
CA VAL B 243 -8.72 25.30 -19.40
C VAL B 243 -8.91 24.23 -20.46
N VAL B 244 -9.05 22.99 -20.04
CA VAL B 244 -9.20 21.90 -21.00
C VAL B 244 -10.52 22.04 -21.75
N LYS B 245 -11.60 22.38 -21.05
CA LYS B 245 -12.88 22.57 -21.74
C LYS B 245 -12.81 23.73 -22.71
N ALA B 246 -12.17 24.81 -22.34
CA ALA B 246 -12.04 25.96 -23.26
C ALA B 246 -11.28 25.54 -24.51
N HIS B 247 -10.25 24.72 -24.36
CA HIS B 247 -9.51 24.24 -25.52
C HIS B 247 -10.36 23.30 -26.36
N THR B 248 -11.10 22.43 -25.72
CA THR B 248 -12.05 21.55 -26.43
C THR B 248 -13.00 22.37 -27.27
N ASN B 249 -13.41 23.53 -26.77
CA ASN B 249 -14.40 24.36 -27.44
C ASN B 249 -13.79 25.35 -28.42
N ARG B 250 -12.51 25.27 -28.73
CA ARG B 250 -11.88 26.19 -29.71
C ARG B 250 -12.67 26.27 -31.00
C FMT C . -19.21 0.78 17.89
O1 FMT C . -18.15 1.00 18.44
O2 FMT C . -19.23 0.86 16.71
C FMT D . -17.99 1.29 14.19
O1 FMT D . -17.04 1.80 14.00
O2 FMT D . -18.77 1.50 15.16
N1 A1H8V E . 4.00 -9.83 5.73
C4 A1H8V E . 3.58 -13.99 3.42
C5 A1H8V E . 3.07 -13.10 4.28
C6 A1H8V E . 4.02 -12.09 4.94
C7 A1H8V E . 3.42 -11.11 5.95
C8 A1H8V E . 3.31 -8.60 5.60
C10 A1H8V E . 5.51 -7.08 6.12
C13 A1H8V E . 8.18 -6.22 6.92
C15 A1H8V E . 6.23 -7.90 7.22
C1 A1H8V E . 5.32 -12.09 4.64
C11 A1H8V E . 6.05 -5.81 5.63
C12 A1H8V E . 7.37 -5.20 6.11
C14 A1H8V E . 7.36 -7.09 7.87
C16 A1H8V E . 5.13 -5.19 4.51
C2 A1H8V E . 5.89 -13.08 3.63
C3 A1H8V E . 5.07 -13.95 3.07
C9 A1H8V E . 4.16 -7.37 5.37
O1 A1H8V E . 6.21 -11.19 5.25
O2 A1H8V E . 2.16 -8.51 5.64
O3 A1H8V E . 2.93 -10.55 8.60
O4 A1H8V E . 3.27 -12.95 8.01
O5 A1H8V E . 5.24 -11.48 8.00
P1 A1H8V E . 3.80 -11.58 7.71
S1 A1H8V E . 3.75 -6.17 4.21
ZN ZN F . 3.32 -10.04 10.35
ZN ZN G . -17.52 2.09 16.14
ZN ZN H . 1.42 -13.30 8.15
MG MG I . -4.41 -6.07 17.84
C FMT J . -7.62 30.21 -16.21
O1 FMT J . -8.67 29.81 -16.04
O2 FMT J . -7.21 31.22 -15.70
C FMT K . -10.78 28.33 -13.47
O1 FMT K . -10.04 28.87 -12.90
O2 FMT K . -10.44 28.69 -14.58
N1 A1H8V L . 6.73 17.78 -23.29
C4 A1H8V L . 6.95 22.02 -21.50
C5 A1H8V L . 6.89 20.71 -21.29
C6 A1H8V L . 6.18 19.87 -22.32
C7 A1H8V L . 6.25 18.39 -22.10
C8 A1H8V L . 7.71 16.75 -23.32
C10 A1H8V L . 6.83 16.08 -25.81
C13 A1H8V L . 5.26 15.79 -28.15
C15 A1H8V L . 5.31 16.14 -25.64
C1 A1H8V L . 5.63 20.42 -23.39
C11 A1H8V L . 7.49 15.70 -27.05
C12 A1H8V L . 6.74 15.38 -28.34
C14 A1H8V L . 4.59 15.47 -26.80
C16 A1H8V L . 9.06 15.73 -26.87
C2 A1H8V L . 5.68 21.92 -23.59
C3 A1H8V L . 6.32 22.66 -22.73
C9 A1H8V L . 7.96 16.34 -24.74
O1 A1H8V L . 4.94 19.68 -24.36
O2 A1H8V L . 8.32 16.30 -22.43
O3 A1H8V L . 4.35 18.38 -20.31
O4 A1H8V L . 4.88 16.23 -21.31
O5 A1H8V L . 3.68 17.99 -22.74
P1 A1H8V L . 4.65 17.71 -21.65
S1 A1H8V L . 9.54 16.12 -25.27
ZN ZN M . 3.56 14.89 -21.27
ZN ZN N . -8.51 29.11 -13.91
ZN ZN O . 5.00 18.01 -18.64
#